data_3ECF
#
_entry.id   3ECF
#
_cell.length_a   74.056
_cell.length_b   74.056
_cell.length_c   189.378
_cell.angle_alpha   90.000
_cell.angle_beta   90.000
_cell.angle_gamma   90.000
#
_symmetry.space_group_name_H-M   'P 41 21 2'
#
loop_
_entity.id
_entity.type
_entity.pdbx_description
1 polymer 'NTF2-like Protein'
2 non-polymer 'UNKNOWN LIGAND'
3 non-polymer 'SULFATE ION'
4 water water
#
_entity_poly.entity_id   1
_entity_poly.type   'polypeptide(L)'
_entity_poly.pdbx_seq_one_letter_code
;G(MSE)ATEKYHEILKKYFLSFETGDFSQVQFSCNLEFLSPISGNTLKGTEEVIPFLKGVTTRVAEVNI(MSE)STTVEY
PRASGVWQ(MSE)RTTKGTLYTLHNFFRLDEEGIVYVWP(MSE)FDPKAV(MSE)ENPDALIQWLTGKDY
;
_entity_poly.pdbx_strand_id   A,B,C,D
#
loop_
_chem_comp.id
_chem_comp.type
_chem_comp.name
_chem_comp.formula
SO4 non-polymer 'SULFATE ION' 'O4 S -2'
UNL non-polymer 'UNKNOWN LIGAND' ?
#
# COMPACT_ATOMS: atom_id res chain seq x y z
N ALA A 3 -23.51 25.58 3.77
CA ALA A 3 -24.16 25.48 5.11
C ALA A 3 -23.62 24.28 5.85
N THR A 4 -23.38 24.44 7.16
CA THR A 4 -22.88 23.32 8.03
C THR A 4 -23.78 22.12 7.94
N GLU A 5 -25.09 22.34 7.98
CA GLU A 5 -26.04 21.26 7.80
C GLU A 5 -25.87 20.61 6.43
N LYS A 6 -25.50 21.39 5.39
CA LYS A 6 -25.25 20.83 4.06
C LYS A 6 -24.22 19.73 4.11
N TYR A 7 -23.16 19.94 4.89
CA TYR A 7 -22.08 18.95 5.06
C TYR A 7 -22.49 17.75 5.86
N HIS A 8 -23.28 17.93 6.93
CA HIS A 8 -23.84 16.78 7.66
C HIS A 8 -24.65 15.91 6.70
N GLU A 9 -25.48 16.55 5.87
CA GLU A 9 -26.29 15.83 4.88
C GLU A 9 -25.43 15.08 3.85
N ILE A 10 -24.35 15.69 3.41
CA ILE A 10 -23.40 15.07 2.43
C ILE A 10 -22.75 13.80 3.03
N LEU A 11 -22.29 13.89 4.30
CA LEU A 11 -21.72 12.73 5.00
CA LEU A 11 -21.73 12.76 5.06
C LEU A 11 -22.76 11.63 5.15
N LYS A 12 -23.99 12.00 5.55
CA LYS A 12 -25.06 10.96 5.68
C LYS A 12 -25.34 10.26 4.33
N LYS A 13 -25.35 11.03 3.25
CA LYS A 13 -25.54 10.48 1.90
C LYS A 13 -24.39 9.57 1.48
N TYR A 14 -23.17 9.94 1.89
CA TYR A 14 -21.97 9.08 1.67
C TYR A 14 -22.17 7.71 2.37
N PHE A 15 -22.52 7.75 3.65
CA PHE A 15 -22.69 6.49 4.39
C PHE A 15 -23.84 5.64 3.85
N LEU A 16 -24.96 6.28 3.59
CA LEU A 16 -26.14 5.57 3.10
C LEU A 16 -25.95 4.93 1.73
N SER A 17 -25.07 5.50 0.89
CA SER A 17 -24.73 4.91 -0.40
C SER A 17 -24.21 3.47 -0.31
N PHE A 18 -23.60 3.10 0.83
CA PHE A 18 -23.12 1.70 1.04
C PHE A 18 -24.26 0.67 1.22
N GLU A 19 -25.43 1.15 1.61
CA GLU A 19 -26.59 0.31 1.83
C GLU A 19 -27.32 0.10 0.49
N THR A 20 -27.41 1.15 -0.32
CA THR A 20 -28.08 1.12 -1.64
C THR A 20 -27.13 0.71 -2.78
N GLY A 21 -25.86 1.11 -2.71
CA GLY A 21 -24.87 0.87 -3.75
C GLY A 21 -24.80 1.96 -4.83
N ASP A 22 -25.67 2.96 -4.74
CA ASP A 22 -25.75 4.07 -5.67
C ASP A 22 -25.10 5.24 -4.95
N PHE A 23 -23.98 5.71 -5.49
CA PHE A 23 -23.24 6.85 -4.97
C PHE A 23 -23.57 8.18 -5.67
N SER A 24 -24.56 8.18 -6.58
CA SER A 24 -24.94 9.38 -7.34
C SER A 24 -25.51 10.55 -6.55
N GLN A 25 -26.05 10.28 -5.37
CA GLN A 25 -26.57 11.37 -4.50
C GLN A 25 -25.50 12.04 -3.66
N VAL A 26 -24.27 11.49 -3.66
CA VAL A 26 -23.19 12.05 -2.86
C VAL A 26 -22.51 13.18 -3.62
N GLN A 27 -22.30 14.32 -2.95
CA GLN A 27 -21.60 15.46 -3.55
C GLN A 27 -20.09 15.24 -3.36
N PHE A 28 -19.39 14.92 -4.45
CA PHE A 28 -17.95 14.71 -4.43
C PHE A 28 -17.25 15.80 -5.22
N SER A 29 -16.08 16.21 -4.73
CA SER A 29 -15.27 17.16 -5.44
C SER A 29 -14.59 16.52 -6.64
N CYS A 30 -14.31 17.33 -7.67
CA CYS A 30 -13.53 16.92 -8.85
CA CYS A 30 -13.58 16.84 -8.83
C CYS A 30 -12.09 16.54 -8.43
N ASN A 31 -11.63 17.07 -7.29
CA ASN A 31 -10.29 16.78 -6.75
C ASN A 31 -10.30 15.69 -5.67
N LEU A 32 -11.37 14.88 -5.60
CA LEU A 32 -11.47 13.82 -4.62
C LEU A 32 -10.25 12.89 -4.55
N GLU A 33 -9.83 12.61 -3.32
CA GLU A 33 -8.81 11.59 -3.01
C GLU A 33 -9.36 10.69 -1.89
N PHE A 34 -8.94 9.42 -1.92
CA PHE A 34 -9.38 8.42 -0.97
C PHE A 34 -8.18 7.65 -0.44
N LEU A 35 -8.04 7.58 0.89
CA LEU A 35 -6.92 6.82 1.49
C LEU A 35 -7.48 5.42 1.80
N SER A 36 -7.14 4.46 0.95
CA SER A 36 -7.62 3.08 1.01
C SER A 36 -6.88 2.24 2.04
N PRO A 37 -7.60 1.36 2.80
CA PRO A 37 -6.89 0.40 3.68
C PRO A 37 -5.96 -0.59 2.94
N ILE A 38 -6.17 -0.80 1.63
CA ILE A 38 -5.41 -1.76 0.83
C ILE A 38 -4.39 -1.14 -0.15
N SER A 39 -4.03 0.14 0.06
CA SER A 39 -3.00 0.80 -0.75
C SER A 39 -2.37 2.00 -0.08
N GLY A 40 -1.06 2.17 -0.31
CA GLY A 40 -0.30 3.31 0.18
C GLY A 40 -0.62 4.61 -0.56
N ASN A 41 -0.92 4.51 -1.86
CA ASN A 41 -1.24 5.66 -2.71
C ASN A 41 -2.74 5.88 -2.71
N THR A 42 -3.16 7.12 -2.62
CA THR A 42 -4.58 7.44 -2.57
C THR A 42 -5.22 7.14 -3.92
N LEU A 43 -6.50 6.76 -3.89
CA LEU A 43 -7.29 6.58 -5.11
C LEU A 43 -7.63 8.02 -5.49
N LYS A 44 -7.58 8.32 -6.79
CA LYS A 44 -7.73 9.69 -7.28
C LYS A 44 -8.92 9.87 -8.22
N GLY A 45 -9.87 10.70 -7.78
CA GLY A 45 -11.06 11.02 -8.51
C GLY A 45 -12.14 9.99 -8.30
N THR A 46 -13.37 10.39 -8.60
CA THR A 46 -14.53 9.49 -8.56
C THR A 46 -14.33 8.29 -9.50
N GLU A 47 -13.58 8.48 -10.59
CA GLU A 47 -13.26 7.41 -11.56
C GLU A 47 -12.55 6.21 -10.96
N GLU A 48 -11.66 6.45 -9.98
CA GLU A 48 -10.93 5.40 -9.25
C GLU A 48 -11.63 5.03 -7.95
N VAL A 49 -12.21 6.02 -7.29
CA VAL A 49 -12.84 5.80 -6.01
C VAL A 49 -14.14 5.05 -6.13
N ILE A 50 -15.07 5.46 -7.00
CA ILE A 50 -16.41 4.85 -7.01
C ILE A 50 -16.42 3.35 -7.31
N PRO A 51 -15.69 2.89 -8.35
CA PRO A 51 -15.60 1.46 -8.60
C PRO A 51 -15.12 0.66 -7.38
N PHE A 52 -14.16 1.21 -6.63
CA PHE A 52 -13.68 0.55 -5.42
C PHE A 52 -14.81 0.45 -4.37
N LEU A 53 -15.47 1.57 -4.08
CA LEU A 53 -16.56 1.58 -3.09
C LEU A 53 -17.74 0.69 -3.51
N LYS A 54 -18.12 0.74 -4.80
CA LYS A 54 -19.18 -0.13 -5.33
C LYS A 54 -18.88 -1.62 -5.10
N GLY A 55 -17.62 -1.99 -5.27
CA GLY A 55 -17.15 -3.36 -5.04
C GLY A 55 -17.30 -3.74 -3.58
N VAL A 56 -16.91 -2.83 -2.67
CA VAL A 56 -17.06 -3.08 -1.22
C VAL A 56 -18.55 -3.22 -0.83
N THR A 57 -19.41 -2.40 -1.42
CA THR A 57 -20.87 -2.45 -1.14
C THR A 57 -21.59 -3.74 -1.55
N THR A 58 -21.00 -4.52 -2.46
CA THR A 58 -21.56 -5.85 -2.83
C THR A 58 -21.41 -6.85 -1.63
N ARG A 59 -20.49 -6.55 -0.70
CA ARG A 59 -20.29 -7.33 0.50
C ARG A 59 -20.76 -6.59 1.78
N VAL A 60 -21.66 -5.62 1.64
CA VAL A 60 -22.28 -4.90 2.73
C VAL A 60 -23.77 -5.22 2.78
N ALA A 61 -24.28 -5.42 3.99
CA ALA A 61 -25.66 -5.68 4.28
C ALA A 61 -26.26 -4.42 4.93
N GLU A 62 -26.22 -4.29 6.25
CA GLU A 62 -26.80 -3.13 6.96
C GLU A 62 -25.78 -2.01 7.13
N VAL A 63 -26.27 -0.77 7.23
CA VAL A 63 -25.43 0.41 7.54
C VAL A 63 -26.14 1.11 8.69
N ASN A 64 -25.36 1.54 9.69
CA ASN A 64 -25.84 2.34 10.81
C ASN A 64 -24.92 3.54 11.01
N ILE A 65 -25.53 4.73 10.99
CA ILE A 65 -24.80 5.99 11.23
C ILE A 65 -25.00 6.36 12.71
N MSE A 66 -23.90 6.53 13.42
CA MSE A 66 -23.91 6.82 14.86
C MSE A 66 -23.76 8.31 15.15
O MSE A 66 -24.49 8.82 16.00
CB MSE A 66 -22.86 5.99 15.60
CG MSE A 66 -23.16 4.48 15.50
SE MSE A 66 -21.79 3.49 16.44
CE MSE A 66 -22.14 4.18 18.17
N SER A 67 -22.87 8.99 14.42
CA SER A 67 -22.67 10.44 14.63
C SER A 67 -21.94 11.11 13.47
N THR A 68 -22.18 12.41 13.28
CA THR A 68 -21.45 13.20 12.29
C THR A 68 -20.96 14.47 12.95
N THR A 69 -19.78 14.91 12.52
CA THR A 69 -19.08 16.09 13.09
C THR A 69 -18.46 16.86 11.95
N VAL A 70 -18.74 18.18 11.90
CA VAL A 70 -18.23 19.06 10.86
C VAL A 70 -17.63 20.33 11.45
N GLU A 71 -16.39 20.65 11.04
CA GLU A 71 -15.78 21.95 11.37
C GLU A 71 -15.07 22.30 10.06
N TYR A 72 -15.82 22.86 9.13
CA TYR A 72 -15.33 23.10 7.77
C TYR A 72 -13.94 23.72 7.76
N PRO A 73 -13.03 23.20 6.92
CA PRO A 73 -13.11 22.12 5.92
C PRO A 73 -12.91 20.66 6.39
N ARG A 74 -12.90 20.39 7.70
CA ARG A 74 -12.75 19.04 8.21
C ARG A 74 -14.07 18.49 8.68
N ALA A 75 -14.16 17.17 8.64
CA ALA A 75 -15.34 16.49 9.15
C ALA A 75 -14.96 15.09 9.56
N SER A 76 -15.85 14.49 10.30
CA SER A 76 -15.70 13.11 10.70
C SER A 76 -17.06 12.52 10.99
N GLY A 77 -17.12 11.21 10.98
CA GLY A 77 -18.36 10.48 11.33
C GLY A 77 -18.07 9.08 11.82
N VAL A 78 -18.90 8.63 12.76
CA VAL A 78 -18.83 7.31 13.36
C VAL A 78 -20.01 6.53 12.79
N TRP A 79 -19.73 5.36 12.24
CA TRP A 79 -20.75 4.56 11.62
C TRP A 79 -20.38 3.10 11.60
N GLN A 80 -21.31 2.30 11.13
CA GLN A 80 -21.13 0.86 11.14
C GLN A 80 -21.69 0.23 9.88
N MSE A 81 -21.05 -0.88 9.48
CA MSE A 81 -21.47 -1.69 8.34
C MSE A 81 -21.45 -3.15 8.75
O MSE A 81 -20.49 -3.56 9.38
CB MSE A 81 -20.51 -1.47 7.16
CG MSE A 81 -20.83 -0.27 6.35
SE MSE A 81 -19.66 -0.12 4.83
CE MSE A 81 -18.06 0.38 5.70
N ARG A 82 -22.52 -3.91 8.46
CA ARG A 82 -22.51 -5.36 8.65
C ARG A 82 -22.13 -5.98 7.31
N THR A 83 -21.14 -6.85 7.31
CA THR A 83 -20.77 -7.58 6.08
C THR A 83 -21.88 -8.58 5.70
N THR A 84 -21.84 -9.07 4.47
CA THR A 84 -22.83 -10.05 4.02
C THR A 84 -22.65 -11.41 4.72
N LYS A 85 -21.54 -11.61 5.44
CA LYS A 85 -21.34 -12.82 6.28
C LYS A 85 -21.81 -12.62 7.72
N GLY A 86 -22.10 -11.35 8.11
CA GLY A 86 -22.64 -11.04 9.44
C GLY A 86 -21.74 -10.29 10.42
N THR A 87 -20.52 -9.91 10.03
CA THR A 87 -19.62 -9.20 10.97
C THR A 87 -19.92 -7.73 10.96
N LEU A 88 -19.99 -7.11 12.14
CA LEU A 88 -20.24 -5.68 12.24
C LEU A 88 -18.90 -4.98 12.45
N TYR A 89 -18.53 -4.14 11.48
CA TYR A 89 -17.39 -3.27 11.60
C TYR A 89 -17.90 -1.89 12.02
N THR A 90 -17.16 -1.24 12.92
CA THR A 90 -17.44 0.11 13.36
C THR A 90 -16.27 0.94 12.83
N LEU A 91 -16.61 2.04 12.14
CA LEU A 91 -15.64 2.92 11.50
C LEU A 91 -15.71 4.32 12.01
N HIS A 92 -14.59 5.04 11.87
CA HIS A 92 -14.48 6.46 12.20
C HIS A 92 -13.75 7.14 11.02
N ASN A 93 -14.54 7.67 10.10
CA ASN A 93 -14.01 8.27 8.88
C ASN A 93 -13.58 9.68 9.13
N PHE A 94 -12.44 10.01 8.54
CA PHE A 94 -11.91 11.36 8.52
C PHE A 94 -12.27 11.89 7.12
N PHE A 95 -12.82 13.10 7.04
CA PHE A 95 -13.13 13.76 5.76
C PHE A 95 -12.53 15.16 5.67
N ARG A 96 -12.23 15.57 4.43
CA ARG A 96 -12.05 16.96 4.12
C ARG A 96 -13.13 17.31 3.10
N LEU A 97 -13.50 18.58 3.11
CA LEU A 97 -14.60 19.11 2.32
C LEU A 97 -14.16 20.32 1.56
N ASP A 98 -14.83 20.56 0.45
CA ASP A 98 -14.65 21.81 -0.32
C ASP A 98 -15.99 22.33 -0.79
N GLU A 99 -16.00 23.32 -1.67
CA GLU A 99 -17.26 23.87 -2.21
C GLU A 99 -18.08 22.88 -3.06
N GLU A 100 -17.47 21.78 -3.50
CA GLU A 100 -18.16 20.72 -4.26
C GLU A 100 -18.55 19.49 -3.44
N GLY A 101 -18.27 19.51 -2.12
CA GLY A 101 -18.66 18.42 -1.21
C GLY A 101 -17.46 17.75 -0.62
N ILE A 102 -17.46 16.41 -0.62
CA ILE A 102 -16.34 15.60 -0.10
C ILE A 102 -15.16 15.63 -1.07
N VAL A 103 -13.98 16.01 -0.56
CA VAL A 103 -12.71 16.03 -1.34
C VAL A 103 -11.64 15.05 -0.83
N TYR A 104 -11.81 14.58 0.41
CA TYR A 104 -10.89 13.61 1.00
C TYR A 104 -11.66 12.66 1.91
N VAL A 105 -11.31 11.38 1.85
CA VAL A 105 -11.92 10.34 2.68
C VAL A 105 -10.83 9.41 3.17
N TRP A 106 -10.84 9.14 4.48
CA TRP A 106 -9.90 8.23 5.11
C TRP A 106 -10.64 7.39 6.17
N PRO A 107 -11.03 6.15 5.83
CA PRO A 107 -11.68 5.30 6.84
C PRO A 107 -10.70 4.68 7.83
N MSE A 108 -11.07 4.70 9.11
CA MSE A 108 -10.31 4.01 10.17
C MSE A 108 -11.34 3.20 10.95
O MSE A 108 -12.55 3.44 10.82
CB MSE A 108 -9.47 4.98 11.04
CG MSE A 108 -8.55 5.85 10.14
SE MSE A 108 -7.20 6.79 11.06
CE MSE A 108 -7.53 8.47 10.45
N PHE A 109 -10.86 2.21 11.70
CA PHE A 109 -11.72 1.20 12.32
C PHE A 109 -11.55 1.01 13.80
N ASP A 110 -12.68 0.72 14.44
CA ASP A 110 -12.66 0.25 15.83
C ASP A 110 -11.88 -1.06 15.73
N PRO A 111 -10.87 -1.26 16.60
CA PRO A 111 -10.03 -2.45 16.51
C PRO A 111 -10.58 -3.82 16.92
N LYS A 112 -11.67 -3.89 17.68
CA LYS A 112 -12.18 -5.17 18.20
C LYS A 112 -12.55 -6.21 17.13
N ALA A 113 -13.39 -5.82 16.16
CA ALA A 113 -13.80 -6.73 15.07
C ALA A 113 -12.62 -7.13 14.19
N VAL A 114 -11.64 -6.23 14.06
CA VAL A 114 -10.42 -6.48 13.28
C VAL A 114 -9.54 -7.51 14.00
N MSE A 115 -9.27 -7.26 15.28
CA MSE A 115 -8.47 -8.21 16.10
C MSE A 115 -9.07 -9.62 16.20
O MSE A 115 -8.33 -10.60 16.16
CB MSE A 115 -8.26 -7.66 17.50
CG MSE A 115 -7.26 -6.54 17.51
SE MSE A 115 -6.93 -6.00 19.34
CE MSE A 115 -8.51 -5.10 19.65
N GLU A 116 -10.39 -9.70 16.30
CA GLU A 116 -11.12 -10.98 16.36
C GLU A 116 -10.83 -11.91 15.14
N ASN A 117 -10.58 -11.31 13.97
CA ASN A 117 -10.33 -12.10 12.76
C ASN A 117 -9.65 -11.21 11.71
N PRO A 118 -8.31 -11.06 11.79
CA PRO A 118 -7.57 -10.21 10.84
C PRO A 118 -7.75 -10.54 9.35
N ASP A 119 -7.70 -11.84 9.00
CA ASP A 119 -7.88 -12.27 7.60
C ASP A 119 -9.26 -11.90 7.06
N ALA A 120 -10.28 -12.05 7.89
CA ALA A 120 -11.64 -11.68 7.50
C ALA A 120 -11.73 -10.24 7.00
N LEU A 121 -11.00 -9.30 7.62
CA LEU A 121 -10.98 -7.89 7.15
C LEU A 121 -10.40 -7.75 5.73
N ILE A 122 -9.28 -8.39 5.48
CA ILE A 122 -8.67 -8.29 4.15
C ILE A 122 -9.55 -8.93 3.06
N GLN A 123 -10.19 -10.05 3.39
CA GLN A 123 -11.12 -10.71 2.43
C GLN A 123 -12.33 -9.83 2.14
N TRP A 124 -12.85 -9.15 3.16
CA TRP A 124 -13.98 -8.24 2.97
C TRP A 124 -13.53 -7.00 2.19
N LEU A 125 -12.35 -6.46 2.50
CA LEU A 125 -11.86 -5.26 1.76
C LEU A 125 -11.57 -5.53 0.27
N THR A 126 -10.88 -6.65 0.01
CA THR A 126 -10.39 -7.01 -1.34
C THR A 126 -11.34 -7.90 -2.16
N GLY A 127 -12.21 -8.65 -1.48
CA GLY A 127 -13.10 -9.60 -2.14
C GLY A 127 -12.39 -10.91 -2.50
N LYS A 128 -11.07 -10.99 -2.28
CA LYS A 128 -10.27 -12.16 -2.63
C LYS A 128 -10.43 -13.17 -1.52
N ASP A 129 -10.88 -14.37 -1.88
CA ASP A 129 -11.19 -15.46 -0.96
C ASP A 129 -12.38 -15.17 -0.01
N TYR A 130 -13.22 -14.19 -0.35
CA TYR A 130 -14.40 -13.85 0.45
C TYR A 130 -15.52 -14.84 0.13
N ALA B 3 -13.90 29.78 22.81
CA ALA B 3 -14.16 28.48 23.53
C ALA B 3 -13.84 27.26 22.67
N THR B 4 -14.12 27.33 21.35
CA THR B 4 -13.77 26.25 20.40
C THR B 4 -12.25 26.06 20.35
N GLU B 5 -11.51 27.16 20.25
CA GLU B 5 -10.02 27.12 20.29
C GLU B 5 -9.55 26.43 21.57
N LYS B 6 -10.21 26.73 22.69
CA LYS B 6 -9.94 26.10 23.97
C LYS B 6 -10.14 24.58 23.88
N TYR B 7 -11.19 24.14 23.19
CA TYR B 7 -11.42 22.69 23.03
C TYR B 7 -10.37 21.98 22.18
N HIS B 8 -9.86 22.63 21.14
CA HIS B 8 -8.73 22.07 20.36
C HIS B 8 -7.47 21.88 21.23
N GLU B 9 -7.19 22.88 22.07
CA GLU B 9 -6.05 22.86 23.00
C GLU B 9 -6.18 21.72 24.00
N ILE B 10 -7.39 21.48 24.51
CA ILE B 10 -7.67 20.34 25.42
C ILE B 10 -7.35 18.99 24.78
N LEU B 11 -7.75 18.79 23.52
CA LEU B 11 -7.43 17.53 22.80
CA LEU B 11 -7.44 17.53 22.81
C LEU B 11 -5.93 17.39 22.62
N LYS B 12 -5.26 18.47 22.27
CA LYS B 12 -3.80 18.43 22.08
C LYS B 12 -3.06 18.08 23.38
N LYS B 13 -3.54 18.62 24.49
CA LYS B 13 -2.97 18.29 25.81
C LYS B 13 -3.21 16.84 26.19
N TYR B 14 -4.35 16.29 25.78
CA TYR B 14 -4.64 14.85 25.96
C TYR B 14 -3.57 14.06 25.17
N PHE B 15 -3.40 14.37 23.89
CA PHE B 15 -2.41 13.63 23.07
C PHE B 15 -0.98 13.72 23.57
N LEU B 16 -0.55 14.93 23.94
CA LEU B 16 0.82 15.17 24.43
C LEU B 16 1.13 14.48 25.79
N SER B 17 0.10 14.16 26.58
CA SER B 17 0.30 13.42 27.84
C SER B 17 0.90 12.02 27.63
N PHE B 18 0.71 11.46 26.45
CA PHE B 18 1.29 10.15 26.09
C PHE B 18 2.80 10.17 25.90
N GLU B 19 3.40 11.35 25.72
CA GLU B 19 4.87 11.53 25.68
C GLU B 19 5.54 11.39 27.05
N THR B 20 4.86 11.82 28.10
CA THR B 20 5.39 11.83 29.48
C THR B 20 4.72 10.87 30.45
N GLY B 21 3.43 10.61 30.24
CA GLY B 21 2.62 9.83 31.18
C GLY B 21 2.02 10.72 32.26
N ASP B 22 2.15 12.05 32.09
CA ASP B 22 1.60 13.06 33.00
C ASP B 22 0.33 13.59 32.36
N PHE B 23 -0.81 13.21 32.92
CA PHE B 23 -2.14 13.63 32.51
C PHE B 23 -2.73 14.78 33.36
N SER B 24 -1.92 15.41 34.23
CA SER B 24 -2.41 16.49 35.14
C SER B 24 -2.86 17.78 34.43
N GLN B 25 -2.34 18.03 33.22
CA GLN B 25 -2.74 19.23 32.44
C GLN B 25 -3.99 19.03 31.60
N VAL B 26 -4.56 17.82 31.56
CA VAL B 26 -5.76 17.54 30.78
C VAL B 26 -7.02 17.84 31.58
N GLN B 27 -7.96 18.54 30.93
CA GLN B 27 -9.25 18.84 31.55
CA GLN B 27 -9.25 18.85 31.52
C GLN B 27 -10.17 17.66 31.27
N PHE B 28 -10.45 16.88 32.32
CA PHE B 28 -11.34 15.72 32.27
C PHE B 28 -12.54 16.00 33.13
N SER B 29 -13.71 15.64 32.61
CA SER B 29 -14.99 15.73 33.33
C SER B 29 -15.07 14.70 34.46
N CYS B 30 -15.86 15.03 35.49
CA CYS B 30 -16.15 14.08 36.57
C CYS B 30 -16.93 12.88 36.02
N ASN B 31 -17.59 13.03 34.87
CA ASN B 31 -18.35 11.95 34.23
C ASN B 31 -17.61 11.21 33.11
N LEU B 32 -16.28 11.33 33.07
CA LEU B 32 -15.47 10.69 32.04
C LEU B 32 -15.74 9.21 31.88
N GLU B 33 -15.85 8.79 30.62
CA GLU B 33 -15.92 7.38 30.26
C GLU B 33 -14.98 7.15 29.09
N PHE B 34 -14.45 5.93 29.00
CA PHE B 34 -13.45 5.52 27.99
C PHE B 34 -13.84 4.18 27.37
N LEU B 35 -13.95 4.10 26.05
CA LEU B 35 -14.27 2.82 25.38
C LEU B 35 -12.92 2.21 25.01
N SER B 36 -12.49 1.27 25.83
CA SER B 36 -11.20 0.62 25.68
C SER B 36 -11.16 -0.37 24.51
N PRO B 37 -10.02 -0.45 23.78
CA PRO B 37 -9.85 -1.52 22.76
C PRO B 37 -9.83 -2.94 23.35
N ILE B 38 -9.50 -3.05 24.63
CA ILE B 38 -9.41 -4.35 25.33
C ILE B 38 -10.60 -4.71 26.27
N SER B 39 -11.73 -4.00 26.17
CA SER B 39 -12.94 -4.31 26.95
C SER B 39 -14.24 -3.78 26.32
N GLY B 40 -15.32 -4.57 26.48
CA GLY B 40 -16.66 -4.22 25.98
C GLY B 40 -17.24 -3.06 26.76
N ASN B 41 -17.11 -3.14 28.09
CA ASN B 41 -17.59 -2.09 29.01
C ASN B 41 -16.58 -0.97 29.17
N THR B 42 -17.09 0.26 29.19
CA THR B 42 -16.28 1.44 29.33
C THR B 42 -15.54 1.51 30.65
N LEU B 43 -14.37 2.14 30.65
CA LEU B 43 -13.69 2.48 31.90
C LEU B 43 -14.40 3.73 32.38
N LYS B 44 -14.64 3.84 33.69
CA LYS B 44 -15.41 4.94 34.26
C LYS B 44 -14.61 5.78 35.26
N GLY B 45 -14.51 7.08 34.97
CA GLY B 45 -13.81 8.04 35.79
C GLY B 45 -12.32 8.08 35.55
N THR B 46 -11.71 9.21 35.93
CA THR B 46 -10.25 9.36 35.87
C THR B 46 -9.56 8.28 36.71
N GLU B 47 -10.19 7.85 37.81
CA GLU B 47 -9.68 6.74 38.65
C GLU B 47 -9.47 5.41 37.92
N GLU B 48 -10.30 5.12 36.90
CA GLU B 48 -10.14 3.93 36.05
C GLU B 48 -9.40 4.21 34.74
N VAL B 49 -9.70 5.36 34.13
CA VAL B 49 -9.08 5.71 32.86
C VAL B 49 -7.58 6.01 32.94
N ILE B 50 -7.19 6.86 33.88
CA ILE B 50 -5.79 7.28 33.99
C ILE B 50 -4.78 6.17 34.25
N PRO B 51 -5.05 5.26 35.22
CA PRO B 51 -4.08 4.16 35.33
C PRO B 51 -3.92 3.34 34.03
N PHE B 52 -5.01 3.13 33.28
CA PHE B 52 -4.94 2.42 32.00
C PHE B 52 -4.04 3.19 31.03
N LEU B 53 -4.30 4.48 30.86
CA LEU B 53 -3.53 5.33 29.94
C LEU B 53 -2.06 5.44 30.34
N LYS B 54 -1.77 5.63 31.63
CA LYS B 54 -0.37 5.65 32.14
C LYS B 54 0.37 4.35 31.79
N GLY B 55 -0.31 3.21 31.90
CA GLY B 55 0.30 1.91 31.55
C GLY B 55 0.69 1.87 30.08
N VAL B 56 -0.22 2.31 29.22
CA VAL B 56 0.04 2.38 27.78
C VAL B 56 1.21 3.32 27.47
N THR B 57 1.26 4.48 28.13
CA THR B 57 2.36 5.45 27.93
C THR B 57 3.76 4.86 28.21
N THR B 58 3.85 3.88 29.11
CA THR B 58 5.14 3.20 29.39
C THR B 58 5.67 2.44 28.16
N ARG B 59 4.80 2.19 27.16
CA ARG B 59 5.11 1.53 25.88
C ARG B 59 5.00 2.41 24.66
N VAL B 60 5.03 3.73 24.87
CA VAL B 60 4.99 4.73 23.82
C VAL B 60 6.35 5.45 23.79
N ALA B 61 6.97 5.47 22.60
CA ALA B 61 8.23 6.12 22.28
C ALA B 61 8.03 7.56 21.78
N GLU B 62 6.94 7.83 21.06
CA GLU B 62 6.75 9.12 20.41
C GLU B 62 5.31 9.33 20.06
N VAL B 63 4.90 10.60 19.98
CA VAL B 63 3.53 11.00 19.64
C VAL B 63 3.58 12.03 18.55
N ASN B 64 2.68 11.93 17.56
CA ASN B 64 2.58 12.90 16.46
C ASN B 64 1.12 13.29 16.35
N ILE B 65 0.81 14.58 16.44
CA ILE B 65 -0.57 15.08 16.29
C ILE B 65 -0.72 15.59 14.85
N MSE B 66 -1.73 15.11 14.14
CA MSE B 66 -2.00 15.47 12.78
C MSE B 66 -3.12 16.47 12.66
O MSE B 66 -2.97 17.46 11.95
CB MSE B 66 -2.22 14.22 11.94
CG MSE B 66 -0.93 13.33 11.87
SE MSE B 66 -1.26 11.66 10.93
CE MSE B 66 -2.15 12.24 9.43
N SER B 67 -4.23 16.24 13.36
CA SER B 67 -5.37 17.19 13.32
C SER B 67 -6.34 17.04 14.48
N THR B 68 -7.05 18.11 14.78
CA THR B 68 -8.15 18.09 15.77
C THR B 68 -9.36 18.75 15.11
N THR B 69 -10.55 18.21 15.36
CA THR B 69 -11.78 18.70 14.79
C THR B 69 -12.78 18.83 15.95
N VAL B 70 -13.52 19.95 16.00
CA VAL B 70 -14.49 20.23 17.09
C VAL B 70 -15.80 20.81 16.54
N GLU B 71 -16.92 20.19 16.91
CA GLU B 71 -18.28 20.71 16.69
C GLU B 71 -18.95 20.38 18.03
N TYR B 72 -18.81 21.31 18.97
CA TYR B 72 -19.19 21.05 20.36
C TYR B 72 -20.62 20.51 20.44
N PRO B 73 -20.87 19.47 21.28
CA PRO B 73 -19.99 18.74 22.20
C PRO B 73 -19.19 17.60 21.64
N ARG B 74 -19.14 17.45 20.31
CA ARG B 74 -18.40 16.39 19.66
C ARG B 74 -17.02 16.86 19.22
N ALA B 75 -16.09 15.93 19.21
CA ALA B 75 -14.77 16.23 18.69
C ALA B 75 -14.08 14.97 18.17
N SER B 76 -13.02 15.19 17.40
CA SER B 76 -12.25 14.06 16.89
C SER B 76 -10.84 14.49 16.62
N GLY B 77 -9.92 13.55 16.63
CA GLY B 77 -8.54 13.90 16.30
C GLY B 77 -7.76 12.77 15.68
N VAL B 78 -6.90 13.11 14.73
CA VAL B 78 -6.03 12.16 14.02
C VAL B 78 -4.64 12.35 14.59
N TRP B 79 -4.04 11.25 15.02
CA TRP B 79 -2.73 11.30 15.66
C TRP B 79 -2.06 9.98 15.56
N GLN B 80 -0.80 9.94 15.98
CA GLN B 80 0.01 8.73 15.94
C GLN B 80 0.81 8.51 17.21
N MSE B 81 0.99 7.23 17.52
CA MSE B 81 1.89 6.81 18.57
C MSE B 81 2.85 5.80 18.00
O MSE B 81 2.43 4.87 17.28
CB MSE B 81 1.13 6.26 19.78
CG MSE B 81 0.53 7.36 20.62
SE MSE B 81 -0.38 6.61 22.17
CE MSE B 81 -2.10 6.08 21.22
N ARG B 82 4.12 6.00 18.32
CA ARG B 82 5.16 5.03 17.96
C ARG B 82 5.38 4.23 19.23
N THR B 83 5.21 2.90 19.16
CA THR B 83 5.42 2.06 20.36
C THR B 83 6.90 2.01 20.71
N THR B 84 7.22 1.56 21.92
CA THR B 84 8.64 1.39 22.31
C THR B 84 9.38 0.28 21.50
N LYS B 85 8.64 -0.55 20.76
CA LYS B 85 9.24 -1.49 19.79
C LYS B 85 9.32 -0.91 18.37
N GLY B 86 8.75 0.27 18.13
CA GLY B 86 8.86 0.96 16.86
C GLY B 86 7.67 0.89 15.92
N THR B 87 6.57 0.24 16.33
CA THR B 87 5.38 0.18 15.45
C THR B 87 4.72 1.52 15.48
N LEU B 88 4.40 2.08 14.31
CA LEU B 88 3.74 3.34 14.22
C LEU B 88 2.25 3.13 13.99
N TYR B 89 1.44 3.36 15.03
CA TYR B 89 -0.03 3.28 14.92
C TYR B 89 -0.57 4.67 14.59
N THR B 90 -1.60 4.71 13.75
CA THR B 90 -2.29 5.97 13.42
C THR B 90 -3.69 5.76 13.95
N LEU B 91 -4.15 6.73 14.73
CA LEU B 91 -5.43 6.67 15.43
C LEU B 91 -6.37 7.81 15.04
N HIS B 92 -7.68 7.53 15.16
CA HIS B 92 -8.71 8.50 14.94
C HIS B 92 -9.64 8.42 16.13
N ASN B 93 -9.39 9.28 17.10
CA ASN B 93 -10.14 9.29 18.33
C ASN B 93 -11.43 10.07 18.18
N PHE B 94 -12.49 9.51 18.74
CA PHE B 94 -13.79 10.16 18.87
C PHE B 94 -13.82 10.67 20.32
N PHE B 95 -14.27 11.91 20.50
CA PHE B 95 -14.41 12.54 21.82
C PHE B 95 -15.77 13.18 22.03
N ARG B 96 -16.25 13.16 23.27
CA ARG B 96 -17.38 13.98 23.67
C ARG B 96 -16.76 14.94 24.69
N LEU B 97 -17.29 16.15 24.68
CA LEU B 97 -16.84 17.22 25.53
C LEU B 97 -18.02 17.72 26.37
N ASP B 98 -17.72 18.23 27.55
CA ASP B 98 -18.74 18.91 28.38
C ASP B 98 -18.10 20.17 28.93
N GLU B 99 -18.73 20.80 29.92
CA GLU B 99 -18.22 22.06 30.46
C GLU B 99 -16.90 21.88 31.24
N GLU B 100 -16.59 20.66 31.69
CA GLU B 100 -15.36 20.32 32.40
C GLU B 100 -14.21 19.78 31.51
N GLY B 101 -14.45 19.66 30.20
CA GLY B 101 -13.45 19.17 29.24
C GLY B 101 -13.91 17.89 28.60
N ILE B 102 -13.01 16.90 28.56
CA ILE B 102 -13.22 15.62 27.92
C ILE B 102 -14.06 14.72 28.82
N VAL B 103 -15.19 14.27 28.28
CA VAL B 103 -16.12 13.39 28.98
C VAL B 103 -16.26 11.98 28.34
N TYR B 104 -15.83 11.81 27.09
CA TYR B 104 -15.86 10.50 26.43
C TYR B 104 -14.68 10.42 25.50
N VAL B 105 -13.99 9.27 25.52
CA VAL B 105 -12.88 9.02 24.59
C VAL B 105 -13.06 7.61 23.99
N TRP B 106 -12.97 7.52 22.67
CA TRP B 106 -13.08 6.25 21.93
C TRP B 106 -12.03 6.20 20.84
N PRO B 107 -10.89 5.54 21.11
CA PRO B 107 -9.87 5.40 20.08
C PRO B 107 -10.20 4.36 19.01
N MSE B 108 -9.97 4.74 17.76
CA MSE B 108 -10.05 3.84 16.63
C MSE B 108 -8.75 3.95 15.87
O MSE B 108 -7.97 4.91 16.10
CB MSE B 108 -11.32 4.07 15.82
CG MSE B 108 -12.55 3.96 16.74
SE MSE B 108 -14.26 3.83 15.89
CE MSE B 108 -15.06 5.28 16.89
N PHE B 109 -8.50 2.98 15.00
CA PHE B 109 -7.23 2.81 14.34
C PHE B 109 -7.25 2.68 12.85
N ASP B 110 -6.25 3.31 12.20
CA ASP B 110 -5.97 3.03 10.81
C ASP B 110 -5.62 1.53 10.75
N PRO B 111 -6.21 0.79 9.78
CA PRO B 111 -6.02 -0.64 9.74
C PRO B 111 -4.69 -1.20 9.27
N LYS B 112 -3.87 -0.44 8.56
CA LYS B 112 -2.62 -0.97 7.95
C LYS B 112 -1.61 -1.55 8.95
N ALA B 113 -1.29 -0.79 10.00
CA ALA B 113 -0.36 -1.28 11.05
C ALA B 113 -0.89 -2.49 11.82
N VAL B 114 -2.20 -2.58 11.91
CA VAL B 114 -2.87 -3.66 12.63
C VAL B 114 -2.85 -4.93 11.78
N MSE B 115 -3.26 -4.82 10.51
CA MSE B 115 -3.22 -5.95 9.57
C MSE B 115 -1.80 -6.49 9.33
O MSE B 115 -1.62 -7.67 9.05
CB MSE B 115 -3.85 -5.58 8.23
CG MSE B 115 -5.33 -5.32 8.33
SE MSE B 115 -6.04 -4.93 6.56
CE MSE B 115 -5.41 -3.22 6.28
N GLU B 116 -0.81 -5.60 9.39
CA GLU B 116 0.60 -5.99 9.16
C GLU B 116 1.18 -6.85 10.30
N ASN B 117 0.68 -6.68 11.53
CA ASN B 117 1.10 -7.54 12.68
C ASN B 117 -0.03 -7.54 13.73
N PRO B 118 -1.07 -8.38 13.51
CA PRO B 118 -2.24 -8.42 14.42
C PRO B 118 -1.94 -8.62 15.92
N ASP B 119 -1.13 -9.64 16.22
CA ASP B 119 -0.71 -9.94 17.61
C ASP B 119 -0.04 -8.78 18.34
N ALA B 120 0.72 -7.96 17.61
CA ALA B 120 1.43 -6.81 18.22
C ALA B 120 0.51 -5.79 18.89
N LEU B 121 -0.69 -5.55 18.35
CA LEU B 121 -1.61 -4.56 18.93
C LEU B 121 -2.09 -4.94 20.34
N ILE B 122 -2.57 -6.17 20.49
CA ILE B 122 -3.02 -6.63 21.82
C ILE B 122 -1.86 -6.64 22.82
N GLN B 123 -0.67 -7.01 22.35
CA GLN B 123 0.53 -7.03 23.21
C GLN B 123 0.88 -5.62 23.65
N TRP B 124 0.75 -4.63 22.75
CA TRP B 124 1.06 -3.23 23.09
C TRP B 124 -0.02 -2.67 24.00
N LEU B 125 -1.28 -2.94 23.66
CA LEU B 125 -2.42 -2.52 24.48
C LEU B 125 -2.40 -3.07 25.88
N THR B 126 -2.17 -4.38 26.02
CA THR B 126 -2.19 -5.05 27.34
C THR B 126 -0.85 -5.10 28.05
N GLY B 127 0.25 -5.03 27.31
CA GLY B 127 1.57 -5.24 27.89
C GLY B 127 1.87 -6.71 28.16
N LYS B 128 0.93 -7.62 27.85
CA LYS B 128 1.11 -9.07 28.07
C LYS B 128 1.81 -9.62 26.84
N ASP B 129 2.92 -10.33 27.06
CA ASP B 129 3.77 -10.86 25.99
C ASP B 129 4.41 -9.76 25.11
N TYR B 130 4.54 -8.55 25.68
CA TYR B 130 5.15 -7.40 25.00
C TYR B 130 6.62 -7.48 25.39
N ALA C 3 7.69 11.10 2.99
CA ALA C 3 8.85 10.53 2.26
C ALA C 3 9.42 9.33 2.99
N THR C 4 9.71 9.48 4.29
CA THR C 4 10.23 8.34 5.12
C THR C 4 9.27 7.18 5.08
N GLU C 5 7.98 7.46 5.31
CA GLU C 5 6.90 6.44 5.24
C GLU C 5 6.93 5.75 3.86
N LYS C 6 7.19 6.52 2.81
CA LYS C 6 7.33 5.97 1.45
C LYS C 6 8.46 4.94 1.39
N TYR C 7 9.62 5.25 1.99
CA TYR C 7 10.74 4.29 2.05
C TYR C 7 10.42 3.02 2.82
N HIS C 8 9.71 3.15 3.94
CA HIS C 8 9.24 1.97 4.65
C HIS C 8 8.42 1.08 3.72
N GLU C 9 7.50 1.72 2.97
CA GLU C 9 6.68 0.97 2.02
C GLU C 9 7.45 0.31 0.89
N ILE C 10 8.52 0.97 0.41
CA ILE C 10 9.38 0.39 -0.62
C ILE C 10 10.08 -0.88 -0.14
N LEU C 11 10.58 -0.86 1.08
CA LEU C 11 11.26 -2.04 1.66
C LEU C 11 10.29 -3.19 1.85
N LYS C 12 9.08 -2.88 2.28
CA LYS C 12 8.06 -3.92 2.48
C LYS C 12 7.65 -4.58 1.19
N LYS C 13 7.53 -3.79 0.13
CA LYS C 13 7.26 -4.30 -1.22
C LYS C 13 8.38 -5.21 -1.71
N TYR C 14 9.61 -4.85 -1.40
CA TYR C 14 10.75 -5.70 -1.72
C TYR C 14 10.65 -7.07 -1.05
N PHE C 15 10.43 -7.09 0.26
CA PHE C 15 10.28 -8.34 0.99
C PHE C 15 9.09 -9.18 0.49
N LEU C 16 7.94 -8.55 0.30
CA LEU C 16 6.73 -9.26 -0.15
C LEU C 16 6.87 -9.85 -1.55
N SER C 17 7.73 -9.27 -2.39
CA SER C 17 8.00 -9.84 -3.73
C SER C 17 8.55 -11.29 -3.70
N PHE C 18 9.18 -11.67 -2.60
CA PHE C 18 9.66 -13.04 -2.39
C PHE C 18 8.54 -14.09 -2.26
N GLU C 19 7.32 -13.65 -1.95
CA GLU C 19 6.14 -14.54 -1.93
C GLU C 19 5.67 -14.97 -3.33
N THR C 20 5.85 -14.11 -4.34
CA THR C 20 5.37 -14.37 -5.72
C THR C 20 6.41 -14.47 -6.80
N GLY C 21 7.58 -13.88 -6.58
CA GLY C 21 8.61 -13.80 -7.60
C GLY C 21 8.37 -12.66 -8.57
N ASP C 22 7.39 -11.80 -8.25
CA ASP C 22 7.06 -10.63 -9.04
C ASP C 22 7.63 -9.41 -8.33
N PHE C 23 8.76 -8.93 -8.84
CA PHE C 23 9.45 -7.74 -8.34
C PHE C 23 9.07 -6.46 -9.10
N SER C 24 8.08 -6.52 -9.98
CA SER C 24 7.71 -5.37 -10.82
C SER C 24 7.19 -4.12 -10.06
N GLN C 25 6.64 -4.31 -8.86
CA GLN C 25 6.19 -3.20 -8.02
C GLN C 25 7.29 -2.56 -7.20
N VAL C 26 8.50 -3.13 -7.19
CA VAL C 26 9.56 -2.59 -6.37
C VAL C 26 10.24 -1.41 -7.07
N GLN C 27 10.45 -0.32 -6.32
N GLN C 27 10.51 -0.37 -6.28
CA GLN C 27 11.16 0.85 -6.80
CA GLN C 27 11.17 0.82 -6.75
C GLN C 27 12.66 0.60 -6.62
C GLN C 27 12.67 0.61 -6.61
N PHE C 28 13.35 0.34 -7.73
CA PHE C 28 14.81 0.14 -7.75
C PHE C 28 15.45 1.27 -8.48
N SER C 29 16.64 1.66 -8.01
CA SER C 29 17.45 2.63 -8.68
C SER C 29 18.15 2.02 -9.91
N CYS C 30 18.41 2.86 -10.91
CA CYS C 30 19.22 2.46 -12.07
C CYS C 30 20.65 2.07 -11.65
N ASN C 31 21.09 2.52 -10.48
CA ASN C 31 22.41 2.22 -9.92
C ASN C 31 22.43 1.06 -8.91
N LEU C 32 21.36 0.26 -8.89
CA LEU C 32 21.23 -0.84 -7.94
C LEU C 32 22.43 -1.77 -7.95
N GLU C 33 22.92 -2.09 -6.75
CA GLU C 33 23.93 -3.12 -6.54
C GLU C 33 23.47 -4.00 -5.38
N PHE C 34 23.85 -5.27 -5.43
CA PHE C 34 23.47 -6.29 -4.47
C PHE C 34 24.69 -7.08 -4.00
N LEU C 35 24.92 -7.15 -2.68
CA LEU C 35 26.03 -7.94 -2.15
CA LEU C 35 26.04 -7.93 -2.13
C LEU C 35 25.49 -9.33 -1.84
N SER C 36 25.80 -10.27 -2.75
CA SER C 36 25.30 -11.62 -2.70
C SER C 36 26.05 -12.49 -1.70
N PRO C 37 25.33 -13.39 -0.98
CA PRO C 37 26.02 -14.37 -0.13
C PRO C 37 26.84 -15.43 -0.89
N ILE C 38 26.62 -15.56 -2.21
CA ILE C 38 27.36 -16.52 -3.04
C ILE C 38 28.44 -15.93 -3.99
N SER C 39 28.84 -14.67 -3.77
CA SER C 39 29.87 -14.02 -4.57
C SER C 39 30.54 -12.83 -3.86
N GLY C 40 31.83 -12.63 -4.15
CA GLY C 40 32.59 -11.50 -3.63
C GLY C 40 32.21 -10.20 -4.33
N ASN C 41 31.99 -10.28 -5.64
CA ASN C 41 31.63 -9.15 -6.48
C ASN C 41 30.12 -8.89 -6.42
N THR C 42 29.73 -7.62 -6.33
CA THR C 42 28.33 -7.26 -6.26
C THR C 42 27.62 -7.57 -7.57
N LEU C 43 26.33 -7.88 -7.50
CA LEU C 43 25.50 -8.02 -8.69
C LEU C 43 25.15 -6.58 -9.04
N LYS C 44 25.08 -6.28 -10.34
CA LYS C 44 24.92 -4.91 -10.81
C LYS C 44 23.69 -4.73 -11.66
N GLY C 45 22.79 -3.89 -11.16
CA GLY C 45 21.55 -3.56 -11.84
C GLY C 45 20.50 -4.63 -11.70
N THR C 46 19.26 -4.27 -12.03
CA THR C 46 18.15 -5.23 -11.99
C THR C 46 18.38 -6.39 -12.96
N GLU C 47 19.08 -6.12 -14.07
CA GLU C 47 19.44 -7.15 -15.05
C GLU C 47 20.24 -8.33 -14.47
N GLU C 48 21.05 -8.08 -13.44
CA GLU C 48 21.80 -9.13 -12.74
C GLU C 48 21.08 -9.55 -11.47
N VAL C 49 20.53 -8.58 -10.74
CA VAL C 49 19.87 -8.88 -9.46
C VAL C 49 18.55 -9.68 -9.57
N ILE C 50 17.66 -9.29 -10.48
CA ILE C 50 16.33 -9.95 -10.54
C ILE C 50 16.35 -11.43 -10.89
N PRO C 51 17.13 -11.82 -11.91
CA PRO C 51 17.25 -13.25 -12.18
C PRO C 51 17.73 -14.04 -10.97
N PHE C 52 18.67 -13.50 -10.19
CA PHE C 52 19.13 -14.15 -8.98
C PHE C 52 17.99 -14.29 -7.95
N LEU C 53 17.28 -13.18 -7.70
CA LEU C 53 16.20 -13.16 -6.71
C LEU C 53 15.04 -14.06 -7.10
N LYS C 54 14.63 -14.05 -8.38
CA LYS C 54 13.53 -14.90 -8.89
CA LYS C 54 13.52 -14.89 -8.84
C LYS C 54 13.84 -16.38 -8.66
N GLY C 55 15.10 -16.76 -8.91
CA GLY C 55 15.58 -18.12 -8.73
C GLY C 55 15.43 -18.51 -7.27
N VAL C 56 15.85 -17.63 -6.35
CA VAL C 56 15.69 -17.93 -4.92
C VAL C 56 14.23 -18.05 -4.53
N THR C 57 13.34 -17.22 -5.10
CA THR C 57 11.91 -17.26 -4.77
C THR C 57 11.24 -18.60 -5.11
N THR C 58 11.79 -19.33 -6.08
CA THR C 58 11.28 -20.68 -6.41
C THR C 58 11.45 -21.65 -5.23
N ARG C 59 12.38 -21.34 -4.31
CA ARG C 59 12.65 -22.13 -3.11
C ARG C 59 12.17 -21.47 -1.83
N VAL C 60 11.27 -20.50 -1.94
CA VAL C 60 10.71 -19.78 -0.82
C VAL C 60 9.20 -20.10 -0.68
N ALA C 61 8.77 -20.46 0.54
N ALA C 61 8.77 -20.49 0.51
CA ALA C 61 7.39 -20.85 0.91
CA ALA C 61 7.37 -20.66 0.81
C ALA C 61 6.56 -19.75 1.60
C ALA C 61 6.94 -19.34 1.46
N GLU C 62 7.01 -19.27 2.77
CA GLU C 62 6.41 -18.16 3.53
C GLU C 62 7.39 -16.99 3.70
N VAL C 63 6.86 -15.77 3.74
CA VAL C 63 7.66 -14.57 4.07
C VAL C 63 7.00 -13.90 5.25
N ASN C 64 7.80 -13.44 6.22
CA ASN C 64 7.29 -12.70 7.37
C ASN C 64 8.16 -11.47 7.62
N ILE C 65 7.56 -10.27 7.52
CA ILE C 65 8.31 -9.03 7.79
C ILE C 65 8.17 -8.72 9.28
N MSE C 66 9.30 -8.50 9.96
CA MSE C 66 9.34 -8.23 11.38
C MSE C 66 9.46 -6.73 11.66
O MSE C 66 8.74 -6.20 12.51
CB MSE C 66 10.44 -9.04 12.06
CG MSE C 66 10.16 -10.53 12.07
SE MSE C 66 11.48 -11.57 13.02
CE MSE C 66 11.48 -10.65 14.53
N SER C 67 10.36 -6.06 10.95
CA SER C 67 10.52 -4.61 11.12
C SER C 67 11.28 -3.99 9.97
N THR C 68 11.11 -2.68 9.83
CA THR C 68 11.90 -1.89 8.87
C THR C 68 12.35 -0.62 9.57
N THR C 69 13.56 -0.16 9.25
CA THR C 69 14.16 1.00 9.89
C THR C 69 14.76 1.83 8.79
N VAL C 70 14.46 3.13 8.79
CA VAL C 70 14.93 4.06 7.79
C VAL C 70 15.55 5.30 8.39
N GLU C 71 16.78 5.62 7.97
CA GLU C 71 17.43 6.90 8.27
C GLU C 71 18.12 7.28 6.96
N TYR C 72 17.34 7.91 6.08
CA TYR C 72 17.77 8.19 4.69
C TYR C 72 19.18 8.77 4.61
N PRO C 73 20.04 8.24 3.73
CA PRO C 73 19.86 7.17 2.72
C PRO C 73 20.10 5.71 3.15
N ARG C 74 20.25 5.45 4.45
CA ARG C 74 20.43 4.10 4.94
C ARG C 74 19.10 3.55 5.41
N ALA C 75 19.00 2.24 5.36
CA ALA C 75 17.84 1.53 5.90
C ALA C 75 18.21 0.11 6.26
N SER C 76 17.35 -0.53 7.02
CA SER C 76 17.56 -1.92 7.37
C SER C 76 16.22 -2.57 7.60
N GLY C 77 16.18 -3.88 7.54
CA GLY C 77 14.94 -4.62 7.80
C GLY C 77 15.19 -6.01 8.33
N VAL C 78 14.35 -6.43 9.28
CA VAL C 78 14.41 -7.76 9.89
C VAL C 78 13.22 -8.49 9.32
N TRP C 79 13.47 -9.64 8.74
CA TRP C 79 12.46 -10.46 8.09
C TRP C 79 12.83 -11.92 8.03
N GLN C 80 11.85 -12.74 7.64
CA GLN C 80 12.03 -14.18 7.60
C GLN C 80 11.50 -14.81 6.36
N MSE C 81 12.17 -15.88 5.92
CA MSE C 81 11.67 -16.73 4.81
C MSE C 81 11.75 -18.17 5.21
O MSE C 81 12.76 -18.56 5.80
CB MSE C 81 12.47 -16.52 3.53
CG MSE C 81 12.18 -15.25 2.80
SE MSE C 81 13.30 -14.99 1.25
CE MSE C 81 14.97 -14.55 2.26
N ARG C 82 10.67 -18.91 4.97
CA ARG C 82 10.65 -20.34 5.17
C ARG C 82 10.97 -20.93 3.79
N THR C 83 11.96 -21.80 3.73
CA THR C 83 12.29 -22.50 2.48
C THR C 83 11.20 -23.50 2.13
N THR C 84 11.18 -23.95 0.87
CA THR C 84 10.20 -24.98 0.46
C THR C 84 10.43 -26.35 1.14
N LYS C 85 11.58 -26.55 1.83
CA LYS C 85 11.85 -27.76 2.66
C LYS C 85 11.45 -27.57 4.13
N GLY C 86 11.09 -26.35 4.51
CA GLY C 86 10.57 -26.07 5.85
C GLY C 86 11.47 -25.33 6.81
N THR C 87 12.66 -24.95 6.38
CA THR C 87 13.63 -24.25 7.26
C THR C 87 13.34 -22.77 7.30
N LEU C 88 13.21 -22.19 8.51
CA LEU C 88 13.00 -20.76 8.65
C LEU C 88 14.34 -20.02 8.82
N TYR C 89 14.65 -19.17 7.84
CA TYR C 89 15.81 -18.28 7.89
C TYR C 89 15.31 -16.90 8.36
N THR C 90 16.07 -16.29 9.26
CA THR C 90 15.79 -14.92 9.76
C THR C 90 16.93 -14.06 9.22
N LEU C 91 16.57 -12.97 8.54
CA LEU C 91 17.53 -12.10 7.90
C LEU C 91 17.45 -10.68 8.42
N HIS C 92 18.59 -10.01 8.34
CA HIS C 92 18.76 -8.62 8.66
C HIS C 92 19.43 -7.98 7.46
N ASN C 93 18.61 -7.38 6.62
CA ASN C 93 19.09 -6.72 5.41
C ASN C 93 19.54 -5.29 5.67
N PHE C 94 20.68 -4.96 5.10
CA PHE C 94 21.20 -3.59 5.08
C PHE C 94 20.83 -3.04 3.70
N PHE C 95 20.33 -1.81 3.65
CA PHE C 95 19.96 -1.16 2.41
C PHE C 95 20.50 0.25 2.32
N ARG C 96 20.71 0.70 1.09
CA ARG C 96 20.88 2.12 0.80
C ARG C 96 19.75 2.48 -0.14
N LEU C 97 19.33 3.72 -0.04
CA LEU C 97 18.22 4.28 -0.79
C LEU C 97 18.63 5.51 -1.57
N ASP C 98 17.98 5.77 -2.69
CA ASP C 98 18.19 7.05 -3.41
C ASP C 98 16.84 7.58 -3.80
N GLU C 99 16.79 8.61 -4.63
CA GLU C 99 15.53 9.21 -5.09
C GLU C 99 14.67 8.24 -5.94
N GLU C 100 15.29 7.20 -6.49
CA GLU C 100 14.60 6.17 -7.28
C GLU C 100 14.19 4.92 -6.50
N GLY C 101 14.51 4.85 -5.21
CA GLY C 101 14.12 3.74 -4.36
C GLY C 101 15.35 3.01 -3.84
N ILE C 102 15.37 1.69 -3.96
CA ILE C 102 16.45 0.86 -3.43
C ILE C 102 17.65 0.89 -4.39
N VAL C 103 18.81 1.23 -3.85
CA VAL C 103 20.07 1.28 -4.62
C VAL C 103 21.17 0.31 -4.14
N TYR C 104 21.00 -0.26 -2.95
CA TYR C 104 21.96 -1.23 -2.41
C TYR C 104 21.22 -2.17 -1.50
N VAL C 105 21.52 -3.46 -1.65
CA VAL C 105 20.96 -4.49 -0.81
C VAL C 105 22.07 -5.41 -0.36
N TRP C 106 22.13 -5.67 0.94
CA TRP C 106 23.08 -6.62 1.52
C TRP C 106 22.40 -7.50 2.57
N PRO C 107 22.02 -8.74 2.21
CA PRO C 107 21.41 -9.57 3.24
C PRO C 107 22.41 -10.26 4.15
N MSE C 108 22.11 -10.24 5.44
CA MSE C 108 22.82 -10.94 6.45
C MSE C 108 21.82 -11.82 7.22
O MSE C 108 20.60 -11.64 7.08
CB MSE C 108 23.60 -9.97 7.32
CG MSE C 108 24.73 -9.36 6.50
SE MSE C 108 25.94 -8.23 7.42
CE MSE C 108 25.31 -6.63 6.76
N PHE C 109 22.33 -12.75 8.03
CA PHE C 109 21.50 -13.81 8.61
C PHE C 109 21.65 -14.04 10.10
N ASP C 110 20.54 -14.35 10.75
CA ASP C 110 20.63 -14.85 12.11
C ASP C 110 21.42 -16.16 11.98
N PRO C 111 22.41 -16.40 12.86
CA PRO C 111 23.25 -17.57 12.73
C PRO C 111 22.70 -18.94 13.11
N LYS C 112 21.60 -19.00 13.89
CA LYS C 112 21.09 -20.27 14.42
C LYS C 112 20.75 -21.30 13.34
N ALA C 113 19.91 -20.90 12.37
CA ALA C 113 19.54 -21.79 11.27
C ALA C 113 20.72 -22.15 10.37
N VAL C 114 21.65 -21.23 10.20
CA VAL C 114 22.85 -21.45 9.36
C VAL C 114 23.76 -22.49 10.06
N MSE C 115 24.05 -22.27 11.35
CA MSE C 115 24.84 -23.21 12.18
C MSE C 115 24.25 -24.59 12.31
O MSE C 115 24.99 -25.57 12.38
CB MSE C 115 25.05 -22.64 13.58
CG MSE C 115 26.05 -21.52 13.61
SE MSE C 115 26.39 -20.98 15.42
CE MSE C 115 24.72 -20.34 15.85
N GLU C 116 22.93 -24.69 12.40
CA GLU C 116 22.24 -26.00 12.47
C GLU C 116 22.55 -26.90 11.26
N ASN C 117 22.60 -26.31 10.07
CA ASN C 117 22.77 -27.06 8.83
C ASN C 117 23.38 -26.17 7.73
N PRO C 118 24.71 -25.93 7.79
CA PRO C 118 25.42 -25.04 6.84
C PRO C 118 25.30 -25.38 5.36
N ASP C 119 25.35 -26.67 5.03
CA ASP C 119 25.22 -27.12 3.62
C ASP C 119 23.85 -26.72 3.05
N ALA C 120 22.80 -26.85 3.87
CA ALA C 120 21.45 -26.45 3.47
C ALA C 120 21.35 -25.00 3.00
N LEU C 121 22.07 -24.08 3.65
CA LEU C 121 22.02 -22.67 3.25
C LEU C 121 22.55 -22.50 1.84
N ILE C 122 23.75 -23.02 1.57
CA ILE C 122 24.32 -22.91 0.21
C ILE C 122 23.42 -23.63 -0.82
N GLN C 123 22.88 -24.79 -0.46
CA GLN C 123 21.94 -25.49 -1.38
C GLN C 123 20.68 -24.63 -1.69
N TRP C 124 20.14 -23.96 -0.68
CA TRP C 124 18.99 -23.07 -0.89
C TRP C 124 19.38 -21.80 -1.67
N LEU C 125 20.53 -21.22 -1.36
CA LEU C 125 20.99 -20.02 -2.11
C LEU C 125 21.27 -20.29 -3.60
N THR C 126 22.05 -21.34 -3.87
CA THR C 126 22.47 -21.70 -5.23
C THR C 126 21.44 -22.53 -5.99
N GLY C 127 20.69 -23.37 -5.27
CA GLY C 127 19.78 -24.34 -5.90
C GLY C 127 20.49 -25.62 -6.35
N LYS C 128 21.80 -25.72 -6.13
CA LYS C 128 22.60 -26.85 -6.55
C LYS C 128 22.48 -27.88 -5.44
N ASP C 129 22.04 -29.08 -5.80
CA ASP C 129 21.79 -30.17 -4.87
C ASP C 129 20.66 -29.86 -3.86
N TYR C 130 19.71 -29.02 -4.26
CA TYR C 130 18.57 -28.67 -3.43
C TYR C 130 17.49 -29.70 -3.71
N ALA D 3 27.40 4.40 -27.90
CA ALA D 3 26.28 5.31 -27.48
C ALA D 3 25.03 4.93 -28.28
N THR D 4 25.09 5.10 -29.60
CA THR D 4 23.96 4.70 -30.49
C THR D 4 23.68 3.21 -30.43
N GLU D 5 24.72 2.37 -30.44
CA GLU D 5 24.54 0.93 -30.33
C GLU D 5 23.85 0.54 -29.02
N LYS D 6 24.23 1.20 -27.90
CA LYS D 6 23.59 1.04 -26.59
C LYS D 6 22.07 1.10 -26.74
N TYR D 7 21.56 2.05 -27.53
CA TYR D 7 20.11 2.21 -27.74
C TYR D 7 19.48 1.14 -28.63
N HIS D 8 20.18 0.70 -29.68
CA HIS D 8 19.71 -0.42 -30.50
C HIS D 8 19.57 -1.67 -29.64
N GLU D 9 20.56 -1.91 -28.76
CA GLU D 9 20.54 -3.05 -27.84
C GLU D 9 19.39 -2.97 -26.85
N ILE D 10 19.11 -1.78 -26.32
CA ILE D 10 18.00 -1.61 -25.36
C ILE D 10 16.66 -1.96 -26.03
N LEU D 11 16.46 -1.50 -27.27
CA LEU D 11 15.25 -1.80 -28.04
C LEU D 11 15.10 -3.30 -28.27
N LYS D 12 16.21 -3.95 -28.60
CA LYS D 12 16.19 -5.37 -28.87
C LYS D 12 15.78 -6.15 -27.60
N LYS D 13 16.34 -5.76 -26.47
CA LYS D 13 16.01 -6.38 -25.19
C LYS D 13 14.56 -6.16 -24.79
N TYR D 14 14.01 -5.00 -25.13
CA TYR D 14 12.59 -4.70 -24.90
C TYR D 14 11.74 -5.73 -25.70
N PHE D 15 12.03 -5.89 -26.98
CA PHE D 15 11.26 -6.80 -27.83
C PHE D 15 11.40 -8.25 -27.38
N LEU D 16 12.61 -8.67 -27.04
CA LEU D 16 12.87 -10.07 -26.63
C LEU D 16 12.26 -10.45 -25.29
N SER D 17 11.95 -9.44 -24.47
CA SER D 17 11.24 -9.66 -23.18
C SER D 17 9.84 -10.25 -23.37
N PHE D 18 9.22 -10.01 -24.52
CA PHE D 18 7.90 -10.61 -24.82
C PHE D 18 7.97 -12.12 -25.10
N GLU D 19 9.15 -12.66 -25.45
CA GLU D 19 9.35 -14.12 -25.61
C GLU D 19 9.57 -14.77 -24.25
N THR D 20 10.45 -14.16 -23.47
CA THR D 20 10.95 -14.68 -22.19
C THR D 20 10.03 -14.36 -21.03
N GLY D 21 9.37 -13.20 -21.09
CA GLY D 21 8.55 -12.70 -19.99
C GLY D 21 9.36 -12.00 -18.88
N ASP D 22 10.68 -11.84 -19.09
CA ASP D 22 11.55 -11.21 -18.09
C ASP D 22 11.96 -9.83 -18.57
N PHE D 23 11.30 -8.80 -18.05
CA PHE D 23 11.61 -7.40 -18.36
C PHE D 23 12.77 -6.79 -17.54
N SER D 24 13.37 -7.57 -16.62
CA SER D 24 14.53 -7.11 -15.85
C SER D 24 15.77 -6.76 -16.69
N GLN D 25 15.85 -7.33 -17.89
CA GLN D 25 16.96 -7.07 -18.81
C GLN D 25 16.85 -5.75 -19.56
N VAL D 26 15.68 -5.07 -19.49
CA VAL D 26 15.45 -3.82 -20.19
C VAL D 26 15.86 -2.63 -19.31
N GLN D 27 16.63 -1.69 -19.87
CA GLN D 27 16.92 -0.44 -19.18
C GLN D 27 15.72 0.50 -19.35
N PHE D 28 14.95 0.69 -18.28
CA PHE D 28 13.81 1.61 -18.26
C PHE D 28 14.16 2.79 -17.36
N SER D 29 13.74 3.98 -17.78
CA SER D 29 13.85 5.20 -17.00
C SER D 29 12.85 5.20 -15.86
N CYS D 30 13.19 5.89 -14.78
CA CYS D 30 12.28 6.10 -13.65
C CYS D 30 11.04 6.90 -14.08
N ASN D 31 11.12 7.67 -15.17
CA ASN D 31 10.02 8.46 -15.70
C ASN D 31 9.24 7.78 -16.85
N LEU D 32 9.37 6.46 -16.96
CA LEU D 32 8.72 5.69 -18.01
C LEU D 32 7.22 5.96 -18.11
N GLU D 33 6.76 6.18 -19.34
CA GLU D 33 5.33 6.23 -19.66
C GLU D 33 5.07 5.35 -20.86
N PHE D 34 3.89 4.75 -20.91
CA PHE D 34 3.48 3.86 -21.97
C PHE D 34 2.06 4.25 -22.44
N LEU D 35 1.92 4.46 -23.76
CA LEU D 35 0.64 4.79 -24.36
CA LEU D 35 0.62 4.80 -24.36
C LEU D 35 0.00 3.48 -24.79
N SER D 36 -0.93 3.00 -23.96
CA SER D 36 -1.61 1.75 -24.17
C SER D 36 -2.69 1.82 -25.23
N PRO D 37 -2.83 0.78 -26.07
CA PRO D 37 -3.98 0.72 -26.98
C PRO D 37 -5.34 0.66 -26.32
N ILE D 38 -5.39 0.20 -25.06
CA ILE D 38 -6.65 0.03 -24.30
C ILE D 38 -6.98 1.17 -23.28
N SER D 39 -6.26 2.30 -23.33
CA SER D 39 -6.50 3.44 -22.43
C SER D 39 -6.00 4.78 -23.01
N GLY D 40 -6.78 5.85 -22.78
CA GLY D 40 -6.41 7.20 -23.18
C GLY D 40 -5.30 7.76 -22.31
N ASN D 41 -5.27 7.36 -21.03
CA ASN D 41 -4.25 7.79 -20.09
C ASN D 41 -3.06 6.84 -20.14
N THR D 42 -1.86 7.40 -20.23
CA THR D 42 -0.64 6.62 -20.24
C THR D 42 -0.45 5.88 -18.91
N LEU D 43 0.17 4.71 -18.99
CA LEU D 43 0.58 3.94 -17.82
C LEU D 43 1.88 4.60 -17.39
N LYS D 44 2.04 4.85 -16.09
CA LYS D 44 3.16 5.65 -15.58
C LYS D 44 4.01 4.88 -14.63
N GLY D 45 5.30 4.74 -14.96
CA GLY D 45 6.28 4.05 -14.16
C GLY D 45 6.35 2.56 -14.43
N THR D 46 7.48 1.94 -14.10
CA THR D 46 7.65 0.49 -14.25
C THR D 46 6.59 -0.31 -13.45
N GLU D 47 6.16 0.24 -12.30
CA GLU D 47 5.13 -0.40 -11.48
C GLU D 47 3.76 -0.56 -12.16
N GLU D 48 3.41 0.31 -13.10
CA GLU D 48 2.16 0.19 -13.88
C GLU D 48 2.38 -0.51 -15.21
N VAL D 49 3.48 -0.16 -15.88
CA VAL D 49 3.79 -0.65 -17.21
C VAL D 49 4.16 -2.14 -17.21
N ILE D 50 5.09 -2.56 -16.35
CA ILE D 50 5.58 -3.96 -16.36
C ILE D 50 4.51 -5.03 -16.12
N PRO D 51 3.66 -4.86 -15.09
CA PRO D 51 2.56 -5.82 -14.95
C PRO D 51 1.63 -5.89 -16.17
N PHE D 52 1.42 -4.76 -16.87
CA PHE D 52 0.62 -4.78 -18.10
C PHE D 52 1.34 -5.60 -19.18
N LEU D 53 2.63 -5.31 -19.40
CA LEU D 53 3.41 -6.03 -20.40
C LEU D 53 3.54 -7.52 -20.09
N LYS D 54 3.83 -7.86 -18.84
CA LYS D 54 3.89 -9.27 -18.40
CA LYS D 54 3.90 -9.28 -18.40
C LYS D 54 2.57 -10.00 -18.72
N GLY D 55 1.44 -9.32 -18.50
CA GLY D 55 0.11 -9.87 -18.79
C GLY D 55 -0.03 -10.17 -20.28
N VAL D 56 0.38 -9.25 -21.14
CA VAL D 56 0.32 -9.49 -22.60
C VAL D 56 1.24 -10.66 -23.00
N THR D 57 2.44 -10.72 -22.39
CA THR D 57 3.42 -11.77 -22.71
CA THR D 57 3.43 -11.75 -22.68
C THR D 57 2.90 -13.19 -22.45
N THR D 58 1.97 -13.35 -21.50
CA THR D 58 1.32 -14.66 -21.23
C THR D 58 0.52 -15.15 -22.45
N ARG D 59 0.16 -14.24 -23.35
CA ARG D 59 -0.56 -14.51 -24.58
C ARG D 59 0.29 -14.28 -25.86
N VAL D 60 1.62 -14.29 -25.72
CA VAL D 60 2.55 -14.21 -26.84
C VAL D 60 3.27 -15.57 -26.99
N ALA D 61 3.30 -16.10 -28.22
CA ALA D 61 3.94 -17.37 -28.57
C ALA D 61 5.32 -17.23 -29.21
N GLU D 62 5.54 -16.13 -29.93
CA GLU D 62 6.77 -15.90 -30.67
C GLU D 62 6.95 -14.43 -30.96
N VAL D 63 8.21 -13.99 -31.08
CA VAL D 63 8.58 -12.60 -31.39
C VAL D 63 9.58 -12.63 -32.53
N ASN D 64 9.47 -11.66 -33.44
CA ASN D 64 10.40 -11.50 -34.55
C ASN D 64 10.75 -10.02 -34.65
N ILE D 65 12.03 -9.67 -34.61
CA ILE D 65 12.47 -8.27 -34.73
C ILE D 65 12.90 -8.06 -36.19
N MSE D 66 12.33 -7.04 -36.84
CA MSE D 66 12.61 -6.75 -38.23
C MSE D 66 13.61 -5.64 -38.45
O MSE D 66 14.50 -5.78 -39.27
CB MSE D 66 11.31 -6.51 -38.98
CG MSE D 66 10.42 -7.77 -38.96
SE MSE D 66 8.77 -7.52 -39.85
CE MSE D 66 9.31 -6.76 -41.42
N SER D 67 13.52 -4.56 -37.67
CA SER D 67 14.44 -3.42 -37.80
C SER D 67 14.34 -2.51 -36.57
N THR D 68 15.42 -1.78 -36.31
CA THR D 68 15.48 -0.75 -35.24
C THR D 68 16.11 0.50 -35.81
N THR D 69 15.65 1.64 -35.35
CA THR D 69 16.06 2.96 -35.86
C THR D 69 16.24 3.87 -34.66
N VAL D 70 17.39 4.54 -34.57
CA VAL D 70 17.66 5.46 -33.45
C VAL D 70 18.21 6.78 -33.94
N GLU D 71 17.58 7.88 -33.50
CA GLU D 71 18.12 9.24 -33.64
C GLU D 71 17.83 9.86 -32.28
N TYR D 72 18.76 9.69 -31.36
CA TYR D 72 18.58 10.06 -29.96
C TYR D 72 18.01 11.48 -29.81
N PRO D 73 17.03 11.68 -28.92
CA PRO D 73 16.34 10.77 -27.98
C PRO D 73 15.17 9.96 -28.55
N ARG D 74 14.99 9.91 -29.86
CA ARG D 74 13.87 9.18 -30.46
C ARG D 74 14.35 7.86 -30.99
N ALA D 75 13.44 6.91 -31.02
CA ALA D 75 13.74 5.63 -31.66
C ALA D 75 12.49 4.97 -32.13
N SER D 76 12.66 3.98 -32.99
CA SER D 76 11.54 3.20 -33.48
C SER D 76 12.01 1.83 -33.87
N GLY D 77 11.08 0.87 -33.90
CA GLY D 77 11.39 -0.49 -34.32
C GLY D 77 10.20 -1.18 -34.94
N VAL D 78 10.49 -2.00 -35.97
CA VAL D 78 9.51 -2.84 -36.66
C VAL D 78 9.72 -4.25 -36.17
N TRP D 79 8.65 -4.83 -35.63
CA TRP D 79 8.70 -6.19 -35.06
C TRP D 79 7.37 -6.87 -35.14
N GLN D 80 7.36 -8.15 -34.83
CA GLN D 80 6.13 -8.93 -34.83
C GLN D 80 5.98 -9.75 -33.59
N MSE D 81 4.73 -9.99 -33.23
CA MSE D 81 4.38 -10.90 -32.12
C MSE D 81 3.31 -11.84 -32.62
O MSE D 81 2.33 -11.39 -33.21
CB MSE D 81 3.90 -10.17 -30.86
CG MSE D 81 5.01 -9.58 -30.00
SE MSE D 81 4.27 -8.80 -28.44
CE MSE D 81 3.57 -7.18 -29.37
N ARG D 82 3.53 -13.15 -32.40
CA ARG D 82 2.52 -14.17 -32.69
C ARG D 82 1.79 -14.46 -31.39
N THR D 83 0.47 -14.32 -31.37
CA THR D 83 -0.31 -14.58 -30.17
C THR D 83 -0.35 -16.09 -29.88
N THR D 84 -0.72 -16.46 -28.67
CA THR D 84 -0.88 -17.89 -28.32
C THR D 84 -2.04 -18.59 -29.07
N LYS D 85 -2.91 -17.81 -29.69
CA LYS D 85 -3.92 -18.35 -30.61
C LYS D 85 -3.47 -18.39 -32.09
N GLY D 86 -2.31 -17.83 -32.42
CA GLY D 86 -1.72 -17.91 -33.77
C GLY D 86 -1.81 -16.65 -34.64
N THR D 87 -2.41 -15.59 -34.14
CA THR D 87 -2.52 -14.33 -34.94
C THR D 87 -1.17 -13.67 -34.97
N LEU D 88 -0.68 -13.27 -36.17
CA LEU D 88 0.62 -12.63 -36.26
C LEU D 88 0.41 -11.13 -36.40
N TYR D 89 0.74 -10.37 -35.38
CA TYR D 89 0.66 -8.90 -35.46
C TYR D 89 2.02 -8.37 -35.84
N THR D 90 2.02 -7.30 -36.66
CA THR D 90 3.22 -6.56 -37.01
C THR D 90 3.06 -5.19 -36.41
N LEU D 91 4.08 -4.78 -35.67
CA LEU D 91 4.05 -3.54 -34.93
C LEU D 91 5.16 -2.57 -35.34
N HIS D 92 4.89 -1.28 -35.12
CA HIS D 92 5.86 -0.22 -35.35
C HIS D 92 5.80 0.64 -34.10
N ASN D 93 6.71 0.36 -33.17
CA ASN D 93 6.79 1.08 -31.91
C ASN D 93 7.55 2.37 -32.03
N PHE D 94 7.02 3.41 -31.39
CA PHE D 94 7.67 4.68 -31.22
C PHE D 94 8.22 4.67 -29.78
N PHE D 95 9.48 5.07 -29.64
CA PHE D 95 10.14 5.19 -28.35
C PHE D 95 10.78 6.56 -28.18
N ARG D 96 10.80 7.02 -26.93
CA ARG D 96 11.69 8.10 -26.52
C ARG D 96 12.66 7.46 -25.54
N LEU D 97 13.88 7.99 -25.53
CA LEU D 97 14.99 7.52 -24.72
C LEU D 97 15.53 8.63 -23.83
N ASP D 98 16.15 8.25 -22.73
CA ASP D 98 16.82 9.22 -21.88
C ASP D 98 18.10 8.56 -21.39
N GLU D 99 18.77 9.18 -20.44
CA GLU D 99 20.02 8.63 -19.92
C GLU D 99 19.89 7.25 -19.24
N GLU D 100 18.69 6.92 -18.76
CA GLU D 100 18.40 5.63 -18.12
C GLU D 100 17.82 4.56 -19.06
N GLY D 101 17.57 4.91 -20.33
CA GLY D 101 17.09 3.95 -21.32
C GLY D 101 15.77 4.37 -21.92
N ILE D 102 14.79 3.46 -21.93
CA ILE D 102 13.47 3.72 -22.47
C ILE D 102 12.64 4.54 -21.49
N VAL D 103 12.16 5.70 -21.92
CA VAL D 103 11.29 6.57 -21.12
C VAL D 103 9.88 6.72 -21.71
N TYR D 104 9.67 6.34 -22.97
CA TYR D 104 8.35 6.38 -23.58
C TYR D 104 8.22 5.27 -24.60
N VAL D 105 7.07 4.59 -24.58
CA VAL D 105 6.75 3.51 -25.52
C VAL D 105 5.33 3.72 -26.03
N TRP D 106 5.19 3.70 -27.36
CA TRP D 106 3.89 3.84 -28.03
C TRP D 106 3.77 2.85 -29.17
N PRO D 107 3.13 1.71 -28.92
CA PRO D 107 2.92 0.78 -30.01
C PRO D 107 1.80 1.11 -30.98
N MSE D 108 2.12 0.96 -32.26
CA MSE D 108 1.18 1.08 -33.36
C MSE D 108 1.28 -0.20 -34.20
O MSE D 108 2.29 -0.91 -34.13
CB MSE D 108 1.42 2.37 -34.14
CG MSE D 108 1.37 3.58 -33.19
SE MSE D 108 1.19 5.28 -33.96
CE MSE D 108 2.57 6.13 -33.10
N PHE D 109 0.28 -0.42 -35.04
CA PHE D 109 0.09 -1.69 -35.72
C PHE D 109 -0.10 -1.62 -37.21
N ASP D 110 0.49 -2.59 -37.92
CA ASP D 110 0.17 -2.79 -39.32
C ASP D 110 -1.35 -3.10 -39.30
N PRO D 111 -2.10 -2.47 -40.21
CA PRO D 111 -3.56 -2.67 -40.18
C PRO D 111 -4.16 -3.99 -40.63
N LYS D 112 -3.46 -4.80 -41.42
CA LYS D 112 -4.06 -6.01 -42.03
C LYS D 112 -4.61 -7.05 -41.04
N ALA D 113 -3.78 -7.46 -40.07
CA ALA D 113 -4.23 -8.42 -39.05
C ALA D 113 -5.35 -7.85 -38.15
N VAL D 114 -5.36 -6.53 -37.99
CA VAL D 114 -6.38 -5.87 -37.18
C VAL D 114 -7.72 -5.85 -37.95
N MSE D 115 -7.67 -5.46 -39.22
CA MSE D 115 -8.87 -5.45 -40.09
C MSE D 115 -9.47 -6.83 -40.32
O MSE D 115 -10.68 -6.97 -40.42
CB MSE D 115 -8.54 -4.79 -41.45
CG MSE D 115 -8.39 -3.32 -41.34
SE MSE D 115 -8.20 -2.52 -43.09
CE MSE D 115 -6.54 -3.25 -43.46
N GLU D 116 -8.62 -7.87 -40.40
CA GLU D 116 -9.12 -9.24 -40.63
C GLU D 116 -9.95 -9.83 -39.47
N ASN D 117 -9.69 -9.38 -38.23
CA ASN D 117 -10.43 -9.83 -37.03
C ASN D 117 -10.31 -8.76 -35.93
N PRO D 118 -11.14 -7.70 -35.99
CA PRO D 118 -11.08 -6.59 -35.02
C PRO D 118 -11.25 -6.96 -33.54
N ASP D 119 -12.16 -7.89 -33.25
CA ASP D 119 -12.41 -8.38 -31.89
C ASP D 119 -11.21 -9.11 -31.26
N ALA D 120 -10.47 -9.84 -32.07
CA ALA D 120 -9.28 -10.58 -31.61
C ALA D 120 -8.25 -9.66 -30.96
N LEU D 121 -8.07 -8.46 -31.52
CA LEU D 121 -7.10 -7.49 -30.97
C LEU D 121 -7.46 -7.09 -29.54
N ILE D 122 -8.70 -6.67 -29.31
CA ILE D 122 -9.08 -6.25 -27.92
C ILE D 122 -8.97 -7.43 -26.94
N GLN D 123 -9.38 -8.61 -27.39
CA GLN D 123 -9.31 -9.84 -26.57
C GLN D 123 -7.86 -10.21 -26.23
N TRP D 124 -6.95 -10.05 -27.19
CA TRP D 124 -5.52 -10.33 -26.93
C TRP D 124 -4.89 -9.28 -26.02
N LEU D 125 -5.20 -8.01 -26.27
CA LEU D 125 -4.70 -6.91 -25.41
C LEU D 125 -5.18 -7.02 -23.95
N THR D 126 -6.49 -7.20 -23.76
CA THR D 126 -7.10 -7.25 -22.43
C THR D 126 -7.06 -8.64 -21.77
N GLY D 127 -7.05 -9.70 -22.59
CA GLY D 127 -7.16 -11.06 -22.08
C GLY D 127 -8.62 -11.41 -21.75
N LYS D 128 -9.56 -10.50 -22.03
CA LYS D 128 -10.98 -10.64 -21.72
C LYS D 128 -11.65 -11.30 -22.92
N ASP D 129 -12.30 -12.44 -22.67
CA ASP D 129 -12.88 -13.30 -23.71
C ASP D 129 -11.82 -13.85 -24.71
N TYR D 130 -10.60 -14.03 -24.20
CA TYR D 130 -9.51 -14.60 -24.97
C TYR D 130 -9.62 -16.09 -24.69
O1 UNL E . -15.04 4.87 2.49
O2 UNL E . -15.18 4.14 3.46
O3 UNL E . -15.60 4.70 4.45
O4 UNL E . -14.81 2.65 3.38
O5 UNL E . -14.42 2.04 2.16
O6 UNL E . -14.06 0.68 2.09
O7 UNL E . -14.11 -0.10 3.25
O8 UNL E . -14.49 0.50 4.45
O9 UNL E . -14.87 1.86 4.53
O1 UNL F . -6.73 7.25 24.63
O2 UNL F . -6.34 6.80 23.55
O3 UNL F . -6.47 7.51 22.57
O4 UNL F . -5.68 5.43 23.49
O5 UNL F . -5.41 4.67 24.65
O6 UNL F . -4.82 3.39 24.54
O7 UNL F . -4.44 2.87 23.30
O8 UNL F . -4.67 3.64 22.14
O9 UNL F . -5.30 4.90 22.24
S SO4 G . -5.28 21.86 14.82
O1 SO4 G . -5.57 20.44 14.87
O2 SO4 G . -6.05 22.57 15.86
O3 SO4 G . -3.86 22.07 15.01
O4 SO4 G . -5.62 22.41 13.52
S SO4 H . 9.87 -8.95 20.40
O1 SO4 H . 9.43 -10.34 20.34
O2 SO4 H . 10.26 -8.67 21.78
O3 SO4 H . 11.01 -8.79 19.49
O4 SO4 H . 8.77 -8.07 19.98
O1 UNL I . 17.56 -9.96 -1.22
O2 UNL I . 17.66 -10.62 -0.20
O3 UNL I . 17.38 -10.07 0.86
O4 UNL I . 18.09 -12.09 -0.28
O5 UNL I . 18.41 -12.71 -1.50
O6 UNL I . 18.81 -14.05 -1.56
O7 UNL I . 18.88 -14.80 -0.37
O8 UNL I . 18.54 -14.18 0.83
O9 UNL I . 18.13 -12.84 0.90
S SO4 J . 7.22 -1.16 10.07
O1 SO4 J . 6.17 -2.15 9.92
O2 SO4 J . 7.06 -0.62 11.42
O3 SO4 J . 8.48 -1.82 9.83
O4 SO4 J . 7.06 -0.01 9.16
O1 UNL K . 5.00 -2.53 -25.93
O2 UNL K . 4.47 -2.96 -26.96
O3 UNL K . 5.10 -2.78 -27.99
O4 UNL K . 3.12 -3.64 -26.90
O5 UNL K . 2.57 -4.03 -25.66
O6 UNL K . 1.30 -4.61 -25.62
O7 UNL K . 0.60 -4.85 -26.79
O8 UNL K . 1.14 -4.47 -28.03
O9 UNL K . 2.39 -3.87 -28.08
#